data_7MYD
#
_entry.id   7MYD
#
_cell.length_a   143.071
_cell.length_b   143.071
_cell.length_c   68.997
_cell.angle_alpha   90.000
_cell.angle_beta   90.000
_cell.angle_gamma   120.000
#
_symmetry.space_group_name_H-M   'P 61'
#
loop_
_entity.id
_entity.type
_entity.pdbx_description
1 polymer 'Dihydroorotate dehydrogenase (fumarate)'
2 non-polymer 'FLAVIN MONONUCLEOTIDE'
3 non-polymer 'SULFATE ION'
4 non-polymer GLYCEROL
5 non-polymer 5-azanyl-2-pyrrol-1-yl-benzenecarbonitrile
6 water water
#
_entity_poly.entity_id   1
_entity_poly.type   'polypeptide(L)'
_entity_poly.pdbx_seq_one_letter_code
;MGSSHHHHHHSSGLVPRGSHMASMTGGQQMGRGSMSLQVNLLNNTFANPFMNAAGVMCTTTEELVAMTESASGSLVSKSC
TPALREGNPTPRYQALPLGSINSMGLPNNGFDFYLAYAAEQHDYGKKPLFLSMSGLSMRENVEMCKRLAAVATEKGVILE
LNLSCPNVPGKPQVAYDFDAMRQCLTAVSEVYPHSFGVKMPPYFDFAHFDAAAEILNEFPKVQFITCINSIGNGLVIDAE
TESVVIKPKQGFGGLGGRYVLPTALANINAFYRRCPGKLIFGCGGVYTGEDAFLHVLAGASMVQVGTALQEEGPSIFERL
TSELLGVMAKKRYQTLDEFRGKVRTLDGTAESTR
;
_entity_poly.pdbx_strand_id   AAA,BBB
#
# COMPACT_ATOMS: atom_id res chain seq x y z
N SER A 34 -38.63 2.50 2.62
CA SER A 34 -38.49 3.12 3.98
C SER A 34 -37.09 2.84 4.56
N MET A 35 -36.09 3.65 4.16
CA MET A 35 -34.67 3.39 4.47
C MET A 35 -34.08 4.55 5.28
N SER A 36 -32.95 4.29 5.92
CA SER A 36 -32.24 5.26 6.79
C SER A 36 -30.73 5.02 6.72
N LEU A 37 -29.98 6.09 6.42
CA LEU A 37 -28.50 6.12 6.55
C LEU A 37 -28.13 6.51 7.98
N GLN A 38 -29.11 6.66 8.87
CA GLN A 38 -28.89 7.12 10.26
C GLN A 38 -27.86 6.22 10.95
N VAL A 39 -26.95 6.85 11.69
CA VAL A 39 -25.89 6.19 12.50
C VAL A 39 -25.97 6.79 13.90
N ASN A 40 -25.94 5.95 14.94
CA ASN A 40 -25.92 6.40 16.35
C ASN A 40 -24.66 5.87 16.99
N LEU A 41 -23.76 6.75 17.40
CA LEU A 41 -22.50 6.35 18.07
C LEU A 41 -21.93 7.57 18.80
N LEU A 42 -21.10 7.31 19.81
CA LEU A 42 -20.43 8.34 20.62
C LEU A 42 -21.47 9.34 21.13
N ASN A 43 -22.61 8.82 21.62
CA ASN A 43 -23.71 9.60 22.24
C ASN A 43 -24.17 10.67 21.25
N ASN A 44 -24.16 10.36 19.96
CA ASN A 44 -24.53 11.32 18.90
C ASN A 44 -25.41 10.59 17.89
N THR A 45 -26.20 11.35 17.14
CA THR A 45 -26.97 10.88 15.97
C THR A 45 -26.40 11.57 14.74
N PHE A 46 -26.11 10.78 13.72
CA PHE A 46 -25.61 11.25 12.41
C PHE A 46 -26.69 10.91 11.39
N ALA A 47 -27.10 11.89 10.59
CA ALA A 47 -28.12 11.74 9.53
C ALA A 47 -27.68 10.65 8.55
N ASN A 48 -26.37 10.61 8.26
CA ASN A 48 -25.75 9.60 7.37
C ASN A 48 -24.32 9.35 7.84
N PRO A 49 -23.66 8.25 7.42
CA PRO A 49 -22.29 7.96 7.85
C PRO A 49 -21.21 8.85 7.22
N PHE A 50 -21.55 9.66 6.22
CA PHE A 50 -20.54 10.36 5.39
C PHE A 50 -19.99 11.59 6.11
N MET A 51 -18.68 11.78 5.97
CA MET A 51 -17.94 12.99 6.43
C MET A 51 -16.71 13.17 5.55
N ASN A 52 -16.10 14.33 5.61
CA ASN A 52 -14.82 14.58 4.92
C ASN A 52 -13.75 13.73 5.62
N ALA A 53 -12.70 13.37 4.88
CA ALA A 53 -11.43 12.84 5.44
C ALA A 53 -10.69 14.01 6.05
N ALA A 54 -10.15 13.86 7.26
CA ALA A 54 -9.32 14.90 7.91
C ALA A 54 -8.38 15.49 6.85
N GLY A 55 -8.32 16.82 6.79
CA GLY A 55 -7.41 17.60 5.94
C GLY A 55 -7.95 17.86 4.55
N VAL A 56 -9.06 17.23 4.16
CA VAL A 56 -9.74 17.55 2.89
C VAL A 56 -10.89 18.53 3.18
N MET A 57 -10.81 19.71 2.56
CA MET A 57 -11.83 20.77 2.55
C MET A 57 -12.34 21.02 3.96
N CYS A 58 -11.42 21.30 4.88
CA CYS A 58 -11.72 21.45 6.31
C CYS A 58 -10.62 22.24 7.03
N THR A 59 -9.95 23.17 6.34
CA THR A 59 -8.80 23.94 6.88
C THR A 59 -9.28 25.33 7.32
N THR A 60 -10.05 26.01 6.49
CA THR A 60 -10.50 27.42 6.70
C THR A 60 -11.90 27.42 7.31
N THR A 61 -12.31 28.57 7.87
CA THR A 61 -13.70 28.80 8.35
C THR A 61 -14.66 28.43 7.22
N GLU A 62 -14.42 28.95 6.03
CA GLU A 62 -15.34 28.81 4.85
C GLU A 62 -15.48 27.31 4.55
N GLU A 63 -14.38 26.54 4.66
CA GLU A 63 -14.39 25.09 4.37
C GLU A 63 -15.21 24.36 5.44
N LEU A 64 -15.01 24.70 6.72
CA LEU A 64 -15.71 24.05 7.85
C LEU A 64 -17.20 24.38 7.75
N VAL A 65 -17.54 25.61 7.36
CA VAL A 65 -18.96 26.06 7.21
C VAL A 65 -19.58 25.26 6.06
N ALA A 66 -18.91 25.17 4.91
CA ALA A 66 -19.41 24.47 3.70
C ALA A 66 -19.63 23.00 4.05
N MET A 67 -18.69 22.40 4.77
CA MET A 67 -18.84 21.01 5.26
C MET A 67 -20.08 20.93 6.16
N THR A 68 -20.27 21.90 7.08
CA THR A 68 -21.41 21.93 8.02
C THR A 68 -22.72 22.11 7.24
N GLU A 69 -22.73 22.95 6.20
CA GLU A 69 -23.92 23.18 5.33
C GLU A 69 -24.14 22.02 4.35
N SER A 70 -23.15 21.14 4.14
CA SER A 70 -23.24 19.98 3.21
C SER A 70 -24.25 18.96 3.73
N ALA A 71 -24.61 18.00 2.89
CA ALA A 71 -25.47 16.84 3.23
C ALA A 71 -24.69 15.82 4.09
N SER A 72 -23.41 16.06 4.37
CA SER A 72 -22.57 15.11 5.16
C SER A 72 -23.23 14.88 6.53
N GLY A 73 -23.14 13.65 7.04
CA GLY A 73 -23.55 13.34 8.41
C GLY A 73 -22.65 13.98 9.45
N SER A 74 -21.40 14.25 9.12
CA SER A 74 -20.46 14.90 10.07
C SER A 74 -19.34 15.58 9.29
N LEU A 75 -18.38 16.15 10.01
CA LEU A 75 -17.18 16.74 9.41
C LEU A 75 -16.07 16.61 10.44
N VAL A 76 -14.83 16.67 9.98
CA VAL A 76 -13.63 16.68 10.85
C VAL A 76 -12.75 17.84 10.37
N SER A 77 -12.22 18.60 11.32
CA SER A 77 -11.35 19.78 11.04
C SER A 77 -9.97 19.27 10.65
N LYS A 78 -9.24 20.08 9.86
CA LYS A 78 -7.84 19.79 9.43
C LYS A 78 -7.01 19.39 10.65
N SER A 79 -6.28 18.29 10.56
CA SER A 79 -5.28 17.87 11.56
C SER A 79 -4.46 19.09 11.98
N CYS A 80 -4.50 19.44 13.26
CA CYS A 80 -3.92 20.71 13.77
C CYS A 80 -2.65 20.41 14.56
N THR A 81 -1.69 21.33 14.46
CA THR A 81 -0.52 21.52 15.33
C THR A 81 -0.83 22.67 16.28
N PRO A 82 -0.09 22.82 17.41
CA PRO A 82 -0.40 23.87 18.38
C PRO A 82 -0.42 25.27 17.75
N ALA A 83 0.49 25.51 16.80
CA ALA A 83 0.61 26.78 16.05
C ALA A 83 0.27 26.56 14.57
N LEU A 84 -0.17 27.63 13.91
CA LEU A 84 -0.27 27.76 12.43
C LEU A 84 0.95 27.08 11.79
N ARG A 85 0.72 26.30 10.73
CA ARG A 85 1.75 25.68 9.88
C ARG A 85 1.51 26.05 8.42
N GLU A 86 2.56 26.39 7.70
CA GLU A 86 2.52 26.79 6.27
C GLU A 86 2.35 25.53 5.41
N GLY A 87 2.89 24.40 5.88
CA GLY A 87 2.99 23.16 5.10
C GLY A 87 4.13 23.21 4.10
N ASN A 88 4.21 22.19 3.25
CA ASN A 88 5.36 21.96 2.34
C ASN A 88 5.24 22.88 1.13
N PRO A 89 6.32 23.08 0.35
CA PRO A 89 6.23 23.86 -0.88
C PRO A 89 5.40 23.15 -1.97
N THR A 90 4.77 23.94 -2.84
CA THR A 90 3.87 23.51 -3.93
C THR A 90 4.71 23.17 -5.16
N PRO A 91 4.25 22.25 -6.04
CA PRO A 91 3.02 21.48 -5.83
C PRO A 91 3.18 20.38 -4.78
N ARG A 92 2.15 20.17 -3.98
CA ARG A 92 2.18 19.22 -2.84
C ARG A 92 0.93 18.32 -2.88
N TYR A 93 0.08 18.53 -3.88
CA TYR A 93 -1.11 17.69 -4.18
C TYR A 93 -1.24 17.57 -5.70
N GLN A 94 -1.47 16.34 -6.18
CA GLN A 94 -1.78 16.08 -7.61
C GLN A 94 -2.93 15.07 -7.68
N ALA A 95 -4.08 15.49 -8.23
CA ALA A 95 -5.16 14.61 -8.71
C ALA A 95 -4.57 13.67 -9.76
N LEU A 96 -4.97 12.40 -9.73
CA LEU A 96 -4.49 11.35 -10.67
C LEU A 96 -5.70 10.61 -11.20
N PRO A 97 -5.62 9.96 -12.38
CA PRO A 97 -6.71 9.13 -12.87
C PRO A 97 -7.24 8.13 -11.83
N LEU A 98 -6.36 7.51 -11.03
CA LEU A 98 -6.75 6.48 -10.02
C LEU A 98 -6.72 7.05 -8.60
N GLY A 99 -6.61 8.37 -8.44
CA GLY A 99 -6.75 8.96 -7.10
C GLY A 99 -5.96 10.24 -6.94
N SER A 100 -5.05 10.25 -5.98
CA SER A 100 -4.28 11.46 -5.59
C SER A 100 -2.99 11.02 -4.92
N ILE A 101 -1.99 11.89 -5.03
CA ILE A 101 -0.74 11.85 -4.25
C ILE A 101 -0.59 13.21 -3.59
N ASN A 102 -0.22 13.26 -2.31
CA ASN A 102 0.02 14.55 -1.61
C ASN A 102 1.18 14.40 -0.65
N SER A 103 1.89 15.49 -0.43
CA SER A 103 2.80 15.70 0.71
C SER A 103 2.50 17.10 1.24
N MET A 104 1.32 17.28 1.81
CA MET A 104 0.81 18.61 2.24
C MET A 104 1.73 19.21 3.32
N GLY A 105 2.21 18.40 4.27
CA GLY A 105 3.09 18.84 5.37
C GLY A 105 2.31 19.54 6.48
N LEU A 106 1.06 19.11 6.72
CA LEU A 106 0.16 19.63 7.78
C LEU A 106 0.01 21.14 7.71
N PRO A 107 -0.38 21.74 6.55
CA PRO A 107 -0.77 23.15 6.53
C PRO A 107 -2.08 23.24 7.32
N ASN A 108 -2.09 24.03 8.40
CA ASN A 108 -3.30 24.23 9.24
C ASN A 108 -3.19 25.56 9.97
N ASN A 109 -4.32 26.06 10.46
CA ASN A 109 -4.45 27.39 11.10
C ASN A 109 -4.05 27.32 12.57
N GLY A 110 -3.68 26.14 13.07
CA GLY A 110 -3.27 25.95 14.47
C GLY A 110 -4.45 25.53 15.33
N PHE A 111 -4.16 24.88 16.45
CA PHE A 111 -5.13 24.32 17.40
C PHE A 111 -6.14 25.38 17.83
N ASP A 112 -5.68 26.56 18.22
CA ASP A 112 -6.54 27.67 18.74
C ASP A 112 -7.71 27.89 17.78
N PHE A 113 -7.40 27.97 16.48
CA PHE A 113 -8.37 28.25 15.41
C PHE A 113 -9.46 27.16 15.41
N TYR A 114 -9.06 25.88 15.43
CA TYR A 114 -9.99 24.73 15.34
C TYR A 114 -10.70 24.56 16.68
N LEU A 115 -10.03 24.85 17.80
CA LEU A 115 -10.66 24.83 19.13
C LEU A 115 -11.75 25.91 19.19
N ALA A 116 -11.43 27.13 18.76
CA ALA A 116 -12.39 28.27 18.71
C ALA A 116 -13.57 27.89 17.83
N TYR A 117 -13.31 27.26 16.68
CA TYR A 117 -14.39 26.83 15.75
C TYR A 117 -15.31 25.88 16.53
N ALA A 118 -14.74 24.93 17.25
CA ALA A 118 -15.47 23.89 18.01
C ALA A 118 -16.26 24.55 19.14
N ALA A 119 -15.64 25.51 19.83
CA ALA A 119 -16.14 26.15 21.06
C ALA A 119 -17.32 27.09 20.75
N GLU A 120 -17.19 27.95 19.72
CA GLU A 120 -18.05 29.15 19.54
C GLU A 120 -18.81 29.15 18.22
N GLN A 121 -18.25 28.63 17.11
CA GLN A 121 -18.79 28.84 15.74
C GLN A 121 -19.64 27.65 15.27
N HIS A 122 -19.18 26.41 15.52
CA HIS A 122 -19.81 25.20 14.91
C HIS A 122 -21.26 25.04 15.37
N ASP A 123 -22.16 24.82 14.42
CA ASP A 123 -23.60 24.56 14.69
C ASP A 123 -23.79 23.05 14.92
N TYR A 124 -23.77 22.63 16.18
CA TYR A 124 -23.94 21.21 16.59
C TYR A 124 -25.40 20.79 16.34
N GLY A 125 -26.31 21.76 16.18
CA GLY A 125 -27.69 21.54 15.72
C GLY A 125 -27.73 20.85 14.37
N LYS A 126 -26.81 21.17 13.46
CA LYS A 126 -26.75 20.60 12.08
C LYS A 126 -26.14 19.20 12.13
N LYS A 127 -24.97 19.04 12.76
CA LYS A 127 -24.24 17.74 12.77
C LYS A 127 -23.12 17.78 13.80
N PRO A 128 -22.66 16.58 14.26
CA PRO A 128 -21.53 16.50 15.18
C PRO A 128 -20.24 16.91 14.47
N LEU A 129 -19.27 17.37 15.26
CA LEU A 129 -17.95 17.86 14.78
C LEU A 129 -16.88 16.97 15.38
N PHE A 130 -15.97 16.48 14.52
CA PHE A 130 -14.69 15.86 14.94
C PHE A 130 -13.58 16.89 14.76
N LEU A 131 -12.65 16.94 15.71
CA LEU A 131 -11.42 17.75 15.61
C LEU A 131 -10.25 16.79 15.44
N SER A 132 -9.55 16.87 14.31
CA SER A 132 -8.35 16.05 14.06
C SER A 132 -7.15 16.76 14.69
N MET A 133 -6.40 16.03 15.48
CA MET A 133 -5.21 16.56 16.18
C MET A 133 -3.99 15.79 15.69
N SER A 134 -2.98 16.51 15.23
CA SER A 134 -1.71 15.92 14.73
C SER A 134 -0.53 16.68 15.32
N GLY A 135 -0.45 16.71 16.65
CA GLY A 135 0.77 17.14 17.36
C GLY A 135 2.00 16.44 16.80
N LEU A 136 3.11 17.17 16.68
CA LEU A 136 4.40 16.64 16.15
C LEU A 136 5.18 15.94 17.28
N SER A 137 4.74 16.12 18.52
CA SER A 137 5.27 15.39 19.69
C SER A 137 4.12 15.00 20.62
N MET A 138 4.33 13.94 21.40
CA MET A 138 3.51 13.55 22.58
C MET A 138 3.15 14.81 23.39
N ARG A 139 4.14 15.63 23.75
CA ARG A 139 3.98 16.85 24.58
C ARG A 139 2.96 17.80 23.93
N GLU A 140 3.05 18.02 22.61
CA GLU A 140 2.10 18.88 21.85
C GLU A 140 0.69 18.29 21.95
N ASN A 141 0.54 16.96 21.79
CA ASN A 141 -0.79 16.30 21.88
C ASN A 141 -1.35 16.48 23.31
N VAL A 142 -0.50 16.27 24.32
CA VAL A 142 -0.87 16.48 25.76
C VAL A 142 -1.34 17.94 25.93
N GLU A 143 -0.54 18.92 25.50
CA GLU A 143 -0.88 20.35 25.72
C GLU A 143 -2.24 20.63 25.07
N MET A 144 -2.43 20.20 23.81
CA MET A 144 -3.67 20.49 23.05
C MET A 144 -4.86 19.75 23.70
N CYS A 145 -4.66 18.49 24.08
CA CYS A 145 -5.73 17.65 24.68
C CYS A 145 -6.20 18.25 26.00
N LYS A 146 -5.27 18.69 26.85
CA LYS A 146 -5.59 19.38 28.14
C LYS A 146 -6.56 20.52 27.87
N ARG A 147 -6.34 21.30 26.81
CA ARG A 147 -7.18 22.47 26.47
C ARG A 147 -8.45 22.04 25.73
N LEU A 148 -8.40 20.93 24.98
CA LEU A 148 -9.60 20.43 24.23
C LEU A 148 -10.64 19.86 25.23
N ALA A 149 -10.18 19.27 26.34
CA ALA A 149 -11.02 18.61 27.37
C ALA A 149 -12.29 19.43 27.63
N ALA A 150 -12.13 20.72 27.96
CA ALA A 150 -13.25 21.58 28.41
C ALA A 150 -14.26 21.75 27.27
N VAL A 151 -13.78 21.89 26.03
CA VAL A 151 -14.66 22.18 24.85
C VAL A 151 -15.40 20.89 24.45
N ALA A 152 -14.73 19.74 24.52
CA ALA A 152 -15.38 18.42 24.39
C ALA A 152 -16.55 18.32 25.38
N THR A 153 -16.27 18.48 26.67
CA THR A 153 -17.26 18.51 27.78
C THR A 153 -18.44 19.42 27.40
N GLU A 154 -18.14 20.71 27.14
CA GLU A 154 -19.12 21.80 26.95
C GLU A 154 -19.95 21.63 25.66
N LYS A 155 -19.29 21.33 24.55
CA LYS A 155 -19.86 21.48 23.17
C LYS A 155 -20.04 20.12 22.48
N GLY A 156 -19.23 19.11 22.84
CA GLY A 156 -19.35 17.74 22.31
C GLY A 156 -18.50 17.51 21.06
N VAL A 157 -17.53 18.39 20.77
CA VAL A 157 -16.50 18.09 19.73
C VAL A 157 -15.83 16.76 20.13
N ILE A 158 -15.56 15.91 19.14
CA ILE A 158 -14.95 14.55 19.34
C ILE A 158 -13.56 14.57 18.72
N LEU A 159 -12.56 14.20 19.51
CA LEU A 159 -11.15 14.14 19.08
C LEU A 159 -10.96 12.94 18.16
N GLU A 160 -10.41 13.17 16.96
CA GLU A 160 -9.74 12.12 16.13
C GLU A 160 -8.25 12.38 16.23
N LEU A 161 -7.53 11.58 17.01
CA LEU A 161 -6.06 11.72 17.16
C LEU A 161 -5.38 11.06 15.96
N ASN A 162 -4.69 11.86 15.15
CA ASN A 162 -3.94 11.41 13.95
C ASN A 162 -2.61 10.80 14.39
N LEU A 163 -2.43 9.48 14.19
CA LEU A 163 -1.18 8.73 14.45
C LEU A 163 -0.48 8.39 13.11
N SER A 164 -0.86 9.06 12.01
CA SER A 164 -0.50 8.65 10.62
C SER A 164 -0.14 9.88 9.77
N PRO A 172 9.90 7.14 12.00
CA PRO A 172 8.72 6.46 11.46
C PRO A 172 7.43 7.15 11.91
N GLN A 173 6.36 7.11 11.09
CA GLN A 173 5.03 7.61 11.55
C GLN A 173 4.63 6.80 12.79
N VAL A 174 4.00 7.48 13.75
CA VAL A 174 3.82 7.01 15.15
C VAL A 174 3.20 5.62 15.12
N ALA A 175 2.17 5.40 14.31
CA ALA A 175 1.38 4.14 14.30
C ALA A 175 2.22 2.98 13.73
N TYR A 176 3.33 3.24 13.05
CA TYR A 176 4.24 2.18 12.53
C TYR A 176 5.29 1.85 13.58
N ASP A 177 5.34 2.65 14.65
CA ASP A 177 6.26 2.48 15.80
C ASP A 177 5.37 2.13 17.00
N PHE A 178 5.21 0.85 17.30
CA PHE A 178 4.21 0.35 18.28
C PHE A 178 4.49 0.95 19.65
N ASP A 179 5.77 1.18 19.98
CA ASP A 179 6.17 1.82 21.25
C ASP A 179 5.73 3.29 21.26
N ALA A 180 6.02 4.05 20.19
CA ALA A 180 5.60 5.47 20.08
C ALA A 180 4.07 5.54 20.09
N MET A 181 3.39 4.58 19.45
CA MET A 181 1.91 4.54 19.42
C MET A 181 1.40 4.37 20.85
N ARG A 182 1.88 3.34 21.54
CA ARG A 182 1.47 3.06 22.93
C ARG A 182 1.70 4.29 23.79
N GLN A 183 2.85 4.95 23.65
CA GLN A 183 3.24 6.09 24.50
C GLN A 183 2.30 7.28 24.27
N CYS A 184 2.03 7.61 23.00
N CYS A 184 2.01 7.63 23.01
CA CYS A 184 1.10 8.72 22.60
CA CYS A 184 1.13 8.76 22.64
C CYS A 184 -0.29 8.44 23.17
C CYS A 184 -0.30 8.46 23.13
N LEU A 185 -0.78 7.21 23.00
CA LEU A 185 -2.14 6.83 23.47
C LEU A 185 -2.16 6.85 25.01
N THR A 186 -1.08 6.44 25.66
CA THR A 186 -0.98 6.47 27.15
C THR A 186 -1.07 7.93 27.62
N ALA A 187 -0.31 8.84 27.02
CA ALA A 187 -0.27 10.27 27.36
C ALA A 187 -1.65 10.89 27.17
N VAL A 188 -2.25 10.70 25.99
CA VAL A 188 -3.58 11.32 25.67
C VAL A 188 -4.63 10.73 26.61
N SER A 189 -4.64 9.41 26.83
CA SER A 189 -5.59 8.73 27.76
C SER A 189 -5.45 9.30 29.17
N GLU A 190 -4.23 9.62 29.58
CA GLU A 190 -3.95 10.13 30.95
C GLU A 190 -4.57 11.51 31.14
N VAL A 191 -4.46 12.39 30.15
CA VAL A 191 -4.75 13.84 30.33
C VAL A 191 -6.11 14.22 29.71
N TYR A 192 -6.68 13.39 28.83
CA TYR A 192 -7.91 13.70 28.08
C TYR A 192 -9.07 12.91 28.68
N PRO A 193 -9.95 13.54 29.49
CA PRO A 193 -10.98 12.83 30.24
C PRO A 193 -12.20 12.52 29.38
N HIS A 194 -11.97 12.07 28.15
CA HIS A 194 -13.05 11.82 27.14
C HIS A 194 -12.69 10.64 26.26
N SER A 195 -13.68 10.09 25.60
N SER A 195 -13.68 10.07 25.61
CA SER A 195 -13.52 9.10 24.50
CA SER A 195 -13.52 9.11 24.49
C SER A 195 -13.00 9.84 23.26
C SER A 195 -12.95 9.86 23.30
N PHE A 196 -12.18 9.18 22.46
CA PHE A 196 -11.66 9.73 21.20
C PHE A 196 -11.43 8.57 20.24
N GLY A 197 -11.03 8.90 19.02
CA GLY A 197 -10.61 7.89 18.04
C GLY A 197 -9.23 8.17 17.54
N VAL A 198 -8.70 7.23 16.76
CA VAL A 198 -7.33 7.33 16.19
C VAL A 198 -7.42 7.11 14.69
N LYS A 199 -6.85 8.04 13.94
CA LYS A 199 -6.64 7.91 12.49
C LYS A 199 -5.39 7.06 12.30
N MET A 200 -5.57 5.88 11.74
CA MET A 200 -4.51 4.87 11.59
C MET A 200 -4.03 4.90 10.14
N PRO A 201 -2.73 4.66 9.94
CA PRO A 201 -2.21 4.40 8.61
C PRO A 201 -2.57 2.98 8.27
N PRO A 202 -2.52 2.57 6.99
CA PRO A 202 -2.74 1.18 6.63
C PRO A 202 -1.60 0.28 7.10
N TYR A 203 -1.97 -0.94 7.52
CA TYR A 203 -1.03 -2.04 7.77
C TYR A 203 -1.22 -3.04 6.64
N PHE A 204 -0.23 -3.90 6.44
CA PHE A 204 -0.09 -4.80 5.26
C PHE A 204 0.29 -6.21 5.71
N ASP A 205 0.23 -6.44 7.02
CA ASP A 205 0.73 -7.68 7.67
C ASP A 205 -0.16 -7.98 8.87
N PHE A 206 -0.64 -9.21 8.99
CA PHE A 206 -1.48 -9.70 10.11
C PHE A 206 -0.76 -9.46 11.46
N ALA A 207 0.55 -9.65 11.52
CA ALA A 207 1.34 -9.41 12.75
C ALA A 207 1.14 -7.95 13.17
N HIS A 208 1.04 -7.04 12.20
CA HIS A 208 0.93 -5.59 12.45
C HIS A 208 -0.50 -5.25 12.86
N PHE A 209 -1.50 -5.84 12.20
CA PHE A 209 -2.91 -5.73 12.63
C PHE A 209 -3.02 -6.16 14.10
N ASP A 210 -2.44 -7.32 14.43
CA ASP A 210 -2.49 -7.87 15.82
C ASP A 210 -1.79 -6.94 16.80
N ALA A 211 -0.61 -6.42 16.48
CA ALA A 211 0.17 -5.55 17.38
C ALA A 211 -0.57 -4.22 17.58
N ALA A 212 -1.08 -3.62 16.51
CA ALA A 212 -1.89 -2.39 16.56
C ALA A 212 -3.16 -2.63 17.38
N ALA A 213 -3.92 -3.68 17.07
CA ALA A 213 -5.22 -3.96 17.74
C ALA A 213 -4.96 -4.20 19.23
N GLU A 214 -3.89 -4.91 19.59
CA GLU A 214 -3.52 -5.22 21.00
C GLU A 214 -3.34 -3.90 21.75
N ILE A 215 -2.60 -2.96 21.17
CA ILE A 215 -2.33 -1.65 21.82
C ILE A 215 -3.65 -0.88 21.94
N LEU A 216 -4.37 -0.69 20.85
CA LEU A 216 -5.65 0.05 20.84
C LEU A 216 -6.62 -0.55 21.86
N ASN A 217 -6.65 -1.87 22.00
CA ASN A 217 -7.59 -2.59 22.91
C ASN A 217 -7.22 -2.31 24.38
N GLU A 218 -6.02 -1.87 24.68
CA GLU A 218 -5.60 -1.51 26.06
C GLU A 218 -6.22 -0.17 26.48
N PHE A 219 -6.83 0.60 25.56
CA PHE A 219 -7.30 1.98 25.80
C PHE A 219 -8.79 2.10 25.56
N PRO A 220 -9.63 1.90 26.60
CA PRO A 220 -11.07 1.97 26.43
C PRO A 220 -11.57 3.35 25.96
N LYS A 221 -10.77 4.43 26.13
CA LYS A 221 -11.19 5.80 25.67
C LYS A 221 -11.10 5.88 24.14
N VAL A 222 -10.29 5.02 23.52
CA VAL A 222 -10.24 4.88 22.03
C VAL A 222 -11.46 4.05 21.65
N GLN A 223 -12.52 4.76 21.26
CA GLN A 223 -13.86 4.18 20.97
C GLN A 223 -14.11 4.13 19.47
N PHE A 224 -13.24 4.77 18.67
CA PHE A 224 -13.24 4.56 17.21
C PHE A 224 -11.82 4.57 16.65
N ILE A 225 -11.66 3.82 15.57
CA ILE A 225 -10.43 3.68 14.76
C ILE A 225 -10.81 4.09 13.34
N THR A 226 -10.17 5.13 12.81
CA THR A 226 -10.37 5.56 11.41
C THR A 226 -9.30 4.85 10.58
N CYS A 227 -9.75 3.97 9.70
CA CYS A 227 -8.96 3.19 8.72
C CYS A 227 -9.39 3.61 7.32
N ILE A 228 -8.56 4.32 6.54
CA ILE A 228 -7.14 4.52 6.74
C ILE A 228 -6.75 5.94 6.34
N ASN A 229 -5.56 6.32 6.76
CA ASN A 229 -4.79 7.44 6.20
C ASN A 229 -4.27 6.98 4.84
N SER A 230 -3.62 7.88 4.12
CA SER A 230 -2.97 7.61 2.83
C SER A 230 -2.19 6.29 2.88
N ILE A 231 -2.08 5.57 1.76
CA ILE A 231 -0.96 4.61 1.58
C ILE A 231 0.32 5.43 1.43
N GLY A 232 1.21 5.37 2.42
CA GLY A 232 2.36 6.28 2.57
C GLY A 232 3.35 6.20 1.43
N ASN A 233 3.88 7.35 1.05
CA ASN A 233 5.13 7.47 0.26
C ASN A 233 5.06 6.62 -1.00
N GLY A 234 3.95 6.70 -1.73
CA GLY A 234 3.96 6.37 -3.16
C GLY A 234 4.83 7.37 -3.92
N LEU A 235 5.17 7.06 -5.16
CA LEU A 235 5.90 7.97 -6.08
C LEU A 235 5.22 7.95 -7.44
N VAL A 236 4.63 9.06 -7.82
CA VAL A 236 4.03 9.22 -9.16
C VAL A 236 5.09 9.84 -10.07
N ILE A 237 5.36 9.18 -11.19
CA ILE A 237 6.23 9.74 -12.26
C ILE A 237 5.38 10.01 -13.48
N ASP A 238 5.48 11.25 -13.97
CA ASP A 238 4.80 11.71 -15.21
C ASP A 238 5.70 11.30 -16.36
N ALA A 239 5.23 10.36 -17.19
CA ALA A 239 6.00 9.78 -18.31
C ALA A 239 6.36 10.89 -19.30
N GLU A 240 5.50 11.90 -19.46
CA GLU A 240 5.70 13.00 -20.44
C GLU A 240 6.88 13.87 -19.97
N THR A 241 6.85 14.33 -18.72
CA THR A 241 7.87 15.25 -18.13
C THR A 241 9.05 14.46 -17.57
N GLU A 242 8.97 13.13 -17.47
CA GLU A 242 10.03 12.27 -16.88
C GLU A 242 10.35 12.79 -15.48
N SER A 243 9.35 13.33 -14.79
CA SER A 243 9.51 13.98 -13.48
C SER A 243 8.47 13.43 -12.51
N VAL A 244 8.73 13.64 -11.23
CA VAL A 244 7.71 13.49 -10.16
C VAL A 244 6.75 14.65 -10.35
N VAL A 245 5.65 14.64 -9.60
CA VAL A 245 4.49 15.57 -9.79
C VAL A 245 4.30 16.42 -8.53
N ILE A 246 5.01 16.10 -7.44
CA ILE A 246 4.99 16.96 -6.23
C ILE A 246 6.44 17.25 -5.81
N LYS A 247 6.61 18.41 -5.18
CA LYS A 247 7.93 19.04 -4.91
C LYS A 247 8.55 18.43 -3.65
N PRO A 248 7.80 18.30 -2.52
CA PRO A 248 8.39 17.82 -1.28
C PRO A 248 8.91 16.38 -1.40
N LYS A 249 9.97 16.07 -0.66
CA LYS A 249 10.46 14.70 -0.42
C LYS A 249 10.62 13.95 -1.75
N GLN A 250 11.22 14.61 -2.74
N GLN A 250 11.25 14.57 -2.74
CA GLN A 250 11.65 14.05 -4.05
CA GLN A 250 11.67 13.93 -4.02
C GLN A 250 10.47 13.33 -4.73
C GLN A 250 10.47 13.33 -4.77
N GLY A 251 9.25 13.83 -4.53
CA GLY A 251 8.04 13.39 -5.25
C GLY A 251 7.23 12.34 -4.51
N PHE A 252 7.72 11.87 -3.35
CA PHE A 252 7.08 10.85 -2.52
C PHE A 252 5.93 11.50 -1.75
N GLY A 253 4.80 10.80 -1.69
CA GLY A 253 3.59 11.36 -1.07
C GLY A 253 2.56 10.30 -0.80
N GLY A 254 1.62 10.60 0.09
CA GLY A 254 0.53 9.66 0.44
C GLY A 254 -0.40 9.47 -0.74
N LEU A 255 -0.75 8.22 -1.03
CA LEU A 255 -1.74 7.89 -2.07
C LEU A 255 -3.13 7.85 -1.45
N GLY A 256 -4.11 8.40 -2.17
CA GLY A 256 -5.54 8.28 -1.84
C GLY A 256 -6.32 7.95 -3.08
N GLY A 257 -7.63 7.71 -2.94
CA GLY A 257 -8.52 7.41 -4.07
C GLY A 257 -8.55 5.94 -4.40
N ARG A 258 -8.76 5.60 -5.68
CA ARG A 258 -9.02 4.21 -6.16
C ARG A 258 -7.84 3.29 -5.80
N TYR A 259 -6.63 3.83 -5.72
CA TYR A 259 -5.41 3.09 -5.32
C TYR A 259 -5.63 2.32 -4.02
N VAL A 260 -6.39 2.91 -3.09
CA VAL A 260 -6.32 2.53 -1.65
C VAL A 260 -7.57 1.78 -1.20
N LEU A 261 -8.58 1.60 -2.07
CA LEU A 261 -9.86 1.00 -1.62
C LEU A 261 -9.63 -0.38 -1.00
N PRO A 262 -9.02 -1.36 -1.68
CA PRO A 262 -8.83 -2.68 -1.05
C PRO A 262 -8.01 -2.64 0.25
N THR A 263 -6.95 -1.82 0.31
CA THR A 263 -6.14 -1.61 1.53
C THR A 263 -7.04 -1.05 2.64
N ALA A 264 -7.96 -0.14 2.29
CA ALA A 264 -8.84 0.51 3.29
C ALA A 264 -9.83 -0.53 3.83
N LEU A 265 -10.49 -1.27 2.95
CA LEU A 265 -11.45 -2.33 3.35
C LEU A 265 -10.75 -3.35 4.24
N ALA A 266 -9.50 -3.71 3.92
CA ALA A 266 -8.70 -4.70 4.68
C ALA A 266 -8.45 -4.17 6.09
N ASN A 267 -8.13 -2.88 6.20
CA ASN A 267 -7.78 -2.30 7.52
C ASN A 267 -9.07 -2.11 8.31
N ILE A 268 -10.11 -1.57 7.67
CA ILE A 268 -11.45 -1.47 8.28
C ILE A 268 -11.82 -2.84 8.85
N ASN A 269 -11.76 -3.88 8.02
CA ASN A 269 -12.22 -5.23 8.40
C ASN A 269 -11.28 -5.81 9.47
N ALA A 270 -9.97 -5.67 9.27
CA ALA A 270 -8.96 -6.21 10.20
C ALA A 270 -9.25 -5.69 11.62
N PHE A 271 -9.51 -4.39 11.78
CA PHE A 271 -9.68 -3.75 13.10
C PHE A 271 -11.11 -3.96 13.59
N TYR A 272 -12.09 -3.98 12.68
CA TYR A 272 -13.48 -4.37 13.00
C TYR A 272 -13.46 -5.72 13.74
N ARG A 273 -12.74 -6.70 13.18
CA ARG A 273 -12.62 -8.06 13.76
C ARG A 273 -11.78 -8.00 15.04
N ARG A 274 -10.67 -7.27 15.05
CA ARG A 274 -9.68 -7.39 16.16
C ARG A 274 -10.04 -6.47 17.32
N CYS A 275 -10.84 -5.43 17.06
CA CYS A 275 -11.26 -4.42 18.08
C CYS A 275 -12.78 -4.46 18.20
N PRO A 276 -13.35 -5.59 18.67
CA PRO A 276 -14.81 -5.76 18.72
C PRO A 276 -15.52 -4.74 19.61
N GLY A 277 -14.84 -4.18 20.61
CA GLY A 277 -15.40 -3.18 21.54
C GLY A 277 -15.32 -1.76 21.01
N LYS A 278 -14.89 -1.57 19.76
CA LYS A 278 -14.62 -0.23 19.18
C LYS A 278 -15.38 -0.09 17.86
N LEU A 279 -15.66 1.15 17.50
CA LEU A 279 -16.21 1.54 16.18
C LEU A 279 -15.06 1.70 15.19
N ILE A 280 -15.30 1.32 13.94
CA ILE A 280 -14.36 1.56 12.81
C ILE A 280 -15.00 2.65 11.95
N PHE A 281 -14.26 3.72 11.67
CA PHE A 281 -14.60 4.69 10.61
C PHE A 281 -13.78 4.31 9.39
N GLY A 282 -14.45 4.13 8.26
CA GLY A 282 -13.80 3.87 6.98
C GLY A 282 -13.30 5.16 6.39
N CYS A 283 -12.11 5.11 5.79
CA CYS A 283 -11.55 6.20 4.98
C CYS A 283 -10.64 5.58 3.93
N GLY A 284 -10.89 5.87 2.66
CA GLY A 284 -10.02 5.41 1.56
C GLY A 284 -10.83 4.91 0.39
N GLY A 285 -10.74 5.60 -0.74
CA GLY A 285 -11.22 5.15 -2.07
C GLY A 285 -12.72 5.25 -2.22
N VAL A 286 -13.39 6.10 -1.45
CA VAL A 286 -14.86 6.32 -1.56
C VAL A 286 -15.12 7.40 -2.61
N TYR A 287 -15.64 6.99 -3.76
CA TYR A 287 -16.16 7.85 -4.83
C TYR A 287 -17.68 7.72 -4.94
N THR A 288 -18.22 6.55 -4.61
CA THR A 288 -19.64 6.20 -4.87
C THR A 288 -20.27 5.61 -3.62
N GLY A 289 -21.60 5.63 -3.57
CA GLY A 289 -22.37 4.91 -2.56
C GLY A 289 -21.98 3.45 -2.50
N GLU A 290 -21.69 2.82 -3.64
CA GLU A 290 -21.29 1.40 -3.69
C GLU A 290 -19.97 1.25 -2.90
N ASP A 291 -19.01 2.15 -3.09
CA ASP A 291 -17.73 2.14 -2.32
C ASP A 291 -18.05 2.24 -0.84
N ALA A 292 -18.90 3.19 -0.46
CA ALA A 292 -19.38 3.40 0.93
C ALA A 292 -20.00 2.09 1.46
N PHE A 293 -20.79 1.43 0.61
CA PHE A 293 -21.48 0.16 0.92
C PHE A 293 -20.41 -0.87 1.32
N LEU A 294 -19.35 -0.94 0.53
CA LEU A 294 -18.21 -1.87 0.78
C LEU A 294 -17.56 -1.54 2.13
N HIS A 295 -17.38 -0.26 2.43
CA HIS A 295 -16.81 0.21 3.72
C HIS A 295 -17.67 -0.35 4.86
N VAL A 296 -19.00 -0.24 4.72
CA VAL A 296 -19.96 -0.62 5.78
C VAL A 296 -19.97 -2.15 5.88
N LEU A 297 -20.04 -2.87 4.74
CA LEU A 297 -19.88 -4.36 4.74
C LEU A 297 -18.64 -4.75 5.54
N ALA A 298 -17.52 -4.04 5.35
CA ALA A 298 -16.21 -4.34 5.99
C ALA A 298 -16.27 -4.04 7.49
N GLY A 299 -17.21 -3.20 7.95
CA GLY A 299 -17.43 -2.88 9.38
C GLY A 299 -17.51 -1.39 9.67
N ALA A 300 -17.40 -0.52 8.68
CA ALA A 300 -17.38 0.94 8.89
C ALA A 300 -18.72 1.42 9.47
N SER A 301 -18.65 2.27 10.48
CA SER A 301 -19.77 3.05 11.06
C SER A 301 -19.92 4.37 10.29
N MET A 302 -18.85 5.17 10.26
CA MET A 302 -18.79 6.42 9.46
C MET A 302 -17.90 6.14 8.25
N VAL A 303 -18.10 6.89 7.19
CA VAL A 303 -17.38 6.73 5.90
C VAL A 303 -16.84 8.09 5.52
N GLN A 304 -15.52 8.24 5.61
CA GLN A 304 -14.80 9.49 5.31
C GLN A 304 -14.43 9.51 3.82
N VAL A 305 -14.44 10.70 3.25
CA VAL A 305 -14.23 10.97 1.81
C VAL A 305 -13.14 12.03 1.69
N GLY A 306 -11.99 11.66 1.13
CA GLY A 306 -10.83 12.54 0.91
C GLY A 306 -10.77 12.97 -0.55
N THR A 307 -10.06 12.20 -1.36
CA THR A 307 -9.71 12.55 -2.76
C THR A 307 -10.98 12.90 -3.54
N ALA A 308 -12.01 12.06 -3.46
CA ALA A 308 -13.28 12.25 -4.21
C ALA A 308 -13.88 13.60 -3.86
N LEU A 309 -13.85 13.95 -2.57
CA LEU A 309 -14.35 15.23 -2.03
C LEU A 309 -13.43 16.35 -2.54
N GLN A 310 -12.12 16.15 -2.51
CA GLN A 310 -11.16 17.18 -2.98
C GLN A 310 -11.50 17.55 -4.43
N GLU A 311 -11.91 16.58 -5.25
CA GLU A 311 -12.10 16.78 -6.72
C GLU A 311 -13.50 17.33 -7.02
N GLU A 312 -14.49 17.02 -6.19
CA GLU A 312 -15.92 17.27 -6.51
C GLU A 312 -16.48 18.39 -5.63
N GLY A 313 -15.89 18.63 -4.46
CA GLY A 313 -16.43 19.58 -3.48
C GLY A 313 -17.59 18.98 -2.68
N PRO A 314 -18.14 19.75 -1.72
CA PRO A 314 -19.06 19.19 -0.72
C PRO A 314 -20.40 18.68 -1.26
N SER A 315 -20.75 19.01 -2.50
CA SER A 315 -22.01 18.56 -3.14
C SER A 315 -21.99 17.03 -3.27
N ILE A 316 -20.78 16.45 -3.25
CA ILE A 316 -20.56 14.97 -3.31
C ILE A 316 -21.42 14.26 -2.27
N PHE A 317 -21.63 14.86 -1.09
CA PHE A 317 -22.38 14.19 0.01
C PHE A 317 -23.86 13.95 -0.39
N GLU A 318 -24.45 14.84 -1.19
CA GLU A 318 -25.84 14.66 -1.69
C GLU A 318 -25.84 13.42 -2.59
N ARG A 319 -24.87 13.35 -3.51
CA ARG A 319 -24.72 12.21 -4.44
C ARG A 319 -24.49 10.93 -3.63
N LEU A 320 -23.59 10.95 -2.63
CA LEU A 320 -23.18 9.72 -1.93
C LEU A 320 -24.35 9.17 -1.12
N THR A 321 -25.11 10.02 -0.41
CA THR A 321 -26.31 9.60 0.35
C THR A 321 -27.30 9.00 -0.65
N SER A 322 -27.58 9.71 -1.74
CA SER A 322 -28.50 9.25 -2.80
C SER A 322 -28.04 7.87 -3.30
N GLU A 323 -26.75 7.74 -3.63
CA GLU A 323 -26.20 6.50 -4.23
C GLU A 323 -26.26 5.35 -3.21
N LEU A 324 -25.91 5.60 -1.95
CA LEU A 324 -25.88 4.55 -0.90
C LEU A 324 -27.31 4.09 -0.62
N LEU A 325 -28.25 5.02 -0.57
CA LEU A 325 -29.70 4.68 -0.45
C LEU A 325 -30.13 3.83 -1.65
N GLY A 326 -29.72 4.21 -2.86
CA GLY A 326 -29.99 3.46 -4.09
C GLY A 326 -29.43 2.04 -4.00
N VAL A 327 -28.20 1.89 -3.50
CA VAL A 327 -27.56 0.55 -3.33
C VAL A 327 -28.40 -0.27 -2.35
N MET A 328 -28.80 0.32 -1.22
CA MET A 328 -29.59 -0.36 -0.18
C MET A 328 -30.98 -0.73 -0.74
N ALA A 329 -31.57 0.11 -1.60
CA ALA A 329 -32.89 -0.15 -2.24
C ALA A 329 -32.78 -1.38 -3.14
N LYS A 330 -31.79 -1.46 -4.03
CA LYS A 330 -31.62 -2.63 -4.94
C LYS A 330 -31.38 -3.90 -4.12
N LYS A 331 -30.88 -3.78 -2.89
CA LYS A 331 -30.46 -4.95 -2.07
C LYS A 331 -31.45 -5.20 -0.94
N ARG A 332 -32.44 -4.32 -0.78
N ARG A 332 -32.55 -4.45 -0.90
CA ARG A 332 -33.58 -4.49 0.14
CA ARG A 332 -33.57 -4.46 0.17
C ARG A 332 -33.11 -4.30 1.59
C ARG A 332 -32.84 -4.50 1.52
N TYR A 333 -32.11 -3.42 1.81
CA TYR A 333 -31.64 -3.04 3.16
C TYR A 333 -32.33 -1.74 3.53
N GLN A 334 -32.73 -1.61 4.79
CA GLN A 334 -33.46 -0.44 5.32
C GLN A 334 -32.55 0.38 6.25
N THR A 335 -31.65 -0.28 6.98
CA THR A 335 -30.67 0.39 7.88
C THR A 335 -29.26 -0.10 7.57
N LEU A 336 -28.24 0.66 8.00
CA LEU A 336 -26.81 0.28 7.86
C LEU A 336 -26.50 -0.92 8.75
N ASP A 337 -27.16 -1.03 9.91
CA ASP A 337 -26.96 -2.12 10.91
C ASP A 337 -27.24 -3.50 10.28
N GLU A 338 -28.05 -3.57 9.22
CA GLU A 338 -28.45 -4.87 8.62
C GLU A 338 -27.29 -5.52 7.88
N PHE A 339 -26.29 -4.75 7.44
CA PHE A 339 -25.14 -5.31 6.66
C PHE A 339 -23.78 -4.86 7.22
N ARG A 340 -23.74 -3.93 8.18
CA ARG A 340 -22.43 -3.45 8.68
C ARG A 340 -21.63 -4.66 9.18
N GLY A 341 -20.42 -4.85 8.63
CA GLY A 341 -19.49 -5.90 9.06
C GLY A 341 -19.93 -7.29 8.65
N LYS A 342 -20.93 -7.42 7.77
CA LYS A 342 -21.53 -8.73 7.43
C LYS A 342 -20.91 -9.30 6.14
N VAL A 343 -19.78 -8.72 5.69
CA VAL A 343 -19.00 -9.23 4.53
C VAL A 343 -18.89 -10.75 4.69
N ARG A 344 -19.31 -11.49 3.66
CA ARG A 344 -19.28 -12.97 3.67
C ARG A 344 -17.88 -13.42 3.24
N THR A 345 -17.19 -14.21 4.08
CA THR A 345 -15.96 -14.95 3.71
C THR A 345 -16.38 -16.27 3.07
N LEU A 346 -15.45 -16.95 2.42
CA LEU A 346 -15.67 -18.20 1.65
C LEU A 346 -15.03 -19.39 2.39
N SER B 34 18.37 3.35 -34.03
CA SER B 34 19.48 2.49 -33.50
C SER B 34 19.37 2.32 -31.97
N MET B 35 18.31 1.66 -31.53
CA MET B 35 17.93 1.52 -30.09
C MET B 35 18.20 0.10 -29.63
N SER B 36 18.43 -0.05 -28.33
CA SER B 36 18.64 -1.35 -27.63
C SER B 36 17.88 -1.34 -26.30
N LEU B 37 17.21 -2.45 -25.98
CA LEU B 37 16.67 -2.73 -24.62
C LEU B 37 17.68 -3.57 -23.84
N GLN B 38 18.88 -3.77 -24.38
CA GLN B 38 19.92 -4.64 -23.78
C GLN B 38 20.23 -4.15 -22.36
N VAL B 39 20.38 -5.09 -21.44
CA VAL B 39 20.81 -4.82 -20.04
C VAL B 39 22.02 -5.71 -19.75
N ASN B 40 23.02 -5.16 -19.08
CA ASN B 40 24.24 -5.90 -18.66
C ASN B 40 24.33 -5.82 -17.15
N LEU B 41 24.18 -6.95 -16.47
CA LEU B 41 24.33 -7.06 -15.00
C LEU B 41 24.65 -8.51 -14.63
N LEU B 42 25.37 -8.69 -13.52
CA LEU B 42 25.68 -10.02 -12.94
C LEU B 42 26.29 -10.93 -14.01
N ASN B 43 27.34 -10.47 -14.69
N ASN B 43 27.33 -10.43 -14.69
CA ASN B 43 28.13 -11.27 -15.67
CA ASN B 43 28.14 -11.17 -15.71
C ASN B 43 27.24 -11.85 -16.78
C ASN B 43 27.20 -11.87 -16.71
N ASN B 44 26.10 -11.21 -17.09
CA ASN B 44 25.10 -11.73 -18.07
C ASN B 44 24.67 -10.60 -19.00
N THR B 45 24.20 -10.99 -20.18
CA THR B 45 23.58 -10.09 -21.19
C THR B 45 22.10 -10.46 -21.27
N PHE B 46 21.23 -9.47 -21.16
CA PHE B 46 19.76 -9.63 -21.31
C PHE B 46 19.35 -8.84 -22.55
N ALA B 47 18.57 -9.46 -23.45
CA ALA B 47 18.07 -8.85 -24.69
C ALA B 47 17.21 -7.63 -24.35
N ASN B 48 16.49 -7.71 -23.22
CA ASN B 48 15.55 -6.65 -22.75
C ASN B 48 15.38 -6.83 -21.25
N PRO B 49 14.87 -5.81 -20.53
CA PRO B 49 14.77 -5.89 -19.07
C PRO B 49 13.60 -6.73 -18.54
N PHE B 50 12.69 -7.15 -19.42
CA PHE B 50 11.41 -7.77 -19.04
C PHE B 50 11.59 -9.23 -18.60
N MET B 51 10.91 -9.58 -17.52
CA MET B 51 10.81 -10.98 -17.04
C MET B 51 9.46 -11.11 -16.32
N ASN B 52 9.03 -12.34 -16.09
CA ASN B 52 7.86 -12.65 -15.23
C ASN B 52 8.20 -12.21 -13.80
N ALA B 53 7.19 -11.77 -13.05
CA ALA B 53 7.30 -11.65 -11.58
C ALA B 53 7.32 -13.07 -11.02
N ALA B 54 8.15 -13.34 -10.01
CA ALA B 54 8.21 -14.67 -9.37
C ALA B 54 6.77 -15.08 -9.03
N GLY B 55 6.42 -16.31 -9.36
CA GLY B 55 5.10 -16.90 -9.04
C GLY B 55 4.10 -16.76 -10.16
N VAL B 56 4.37 -15.94 -11.16
CA VAL B 56 3.44 -15.81 -12.31
C VAL B 56 3.97 -16.64 -13.49
N MET B 57 3.18 -17.62 -13.92
CA MET B 57 3.46 -18.54 -15.05
C MET B 57 4.91 -19.01 -15.02
N CYS B 58 5.35 -19.58 -13.90
CA CYS B 58 6.73 -20.07 -13.72
C CYS B 58 6.77 -21.22 -12.71
N THR B 59 5.68 -21.95 -12.55
CA THR B 59 5.56 -23.04 -11.56
C THR B 59 5.93 -24.37 -12.23
N THR B 60 5.39 -24.65 -13.42
CA THR B 60 5.53 -25.96 -14.12
C THR B 60 6.64 -25.91 -15.16
N THR B 61 7.09 -27.08 -15.61
CA THR B 61 8.02 -27.23 -16.75
C THR B 61 7.46 -26.44 -17.94
N GLU B 62 6.20 -26.70 -18.33
CA GLU B 62 5.56 -26.04 -19.50
C GLU B 62 5.74 -24.52 -19.35
N GLU B 63 5.48 -23.97 -18.16
CA GLU B 63 5.47 -22.51 -17.92
C GLU B 63 6.90 -21.96 -18.05
N LEU B 64 7.88 -22.69 -17.53
CA LEU B 64 9.29 -22.28 -17.52
C LEU B 64 9.82 -22.32 -18.96
N VAL B 65 9.42 -23.34 -19.73
CA VAL B 65 9.75 -23.49 -21.18
C VAL B 65 9.08 -22.33 -21.93
N ALA B 66 7.79 -22.10 -21.73
CA ALA B 66 7.02 -21.01 -22.39
C ALA B 66 7.68 -19.66 -22.10
N MET B 67 8.09 -19.42 -20.85
CA MET B 67 8.78 -18.16 -20.44
C MET B 67 10.15 -18.08 -21.14
N THR B 68 10.83 -19.22 -21.30
CA THR B 68 12.16 -19.28 -21.97
C THR B 68 11.96 -19.00 -23.48
N GLU B 69 10.88 -19.51 -24.08
CA GLU B 69 10.56 -19.32 -25.53
C GLU B 69 9.95 -17.93 -25.77
N SER B 70 9.44 -17.25 -24.72
CA SER B 70 8.87 -15.89 -24.81
C SER B 70 9.95 -14.89 -25.26
N ALA B 71 9.55 -13.67 -25.64
CA ALA B 71 10.45 -12.56 -25.99
C ALA B 71 11.06 -11.92 -24.74
N SER B 72 10.76 -12.45 -23.54
CA SER B 72 11.25 -11.90 -22.26
C SER B 72 12.79 -11.92 -22.24
N GLY B 73 13.41 -10.91 -21.66
CA GLY B 73 14.86 -10.87 -21.44
C GLY B 73 15.30 -11.95 -20.48
N SER B 74 14.44 -12.30 -19.52
CA SER B 74 14.76 -13.34 -18.52
C SER B 74 13.47 -13.94 -17.97
N LEU B 75 13.62 -14.78 -16.96
CA LEU B 75 12.50 -15.48 -16.27
C LEU B 75 12.99 -15.87 -14.89
N VAL B 76 12.06 -15.96 -13.96
CA VAL B 76 12.32 -16.38 -12.56
C VAL B 76 11.37 -17.54 -12.27
N SER B 77 11.88 -18.61 -11.68
CA SER B 77 11.09 -19.79 -11.28
C SER B 77 10.20 -19.39 -10.10
N LYS B 78 9.06 -20.07 -9.95
CA LYS B 78 8.13 -19.94 -8.79
C LYS B 78 8.91 -20.06 -7.48
N SER B 79 8.64 -19.16 -6.54
CA SER B 79 9.24 -19.20 -5.19
C SER B 79 9.08 -20.61 -4.62
N CYS B 80 10.21 -21.26 -4.34
CA CYS B 80 10.26 -22.70 -3.97
C CYS B 80 10.44 -22.82 -2.46
N THR B 81 9.78 -23.83 -1.88
CA THR B 81 10.05 -24.39 -0.53
C THR B 81 10.93 -25.62 -0.70
N PRO B 82 11.56 -26.13 0.38
CA PRO B 82 12.42 -27.31 0.29
C PRO B 82 11.66 -28.50 -0.30
N ALA B 83 10.37 -28.62 0.03
CA ALA B 83 9.47 -29.67 -0.47
C ALA B 83 8.31 -29.04 -1.24
N LEU B 84 7.66 -29.85 -2.08
CA LEU B 84 6.39 -29.53 -2.78
C LEU B 84 5.39 -28.94 -1.77
N ARG B 85 4.61 -27.95 -2.20
CA ARG B 85 3.48 -27.34 -1.43
C ARG B 85 2.24 -27.27 -2.32
N GLU B 86 1.07 -27.62 -1.76
CA GLU B 86 -0.24 -27.59 -2.47
C GLU B 86 -0.68 -26.12 -2.65
N GLY B 87 -0.34 -25.27 -1.68
CA GLY B 87 -0.84 -23.90 -1.58
C GLY B 87 -2.21 -23.86 -0.91
N ASN B 88 -2.84 -22.69 -0.92
CA ASN B 88 -4.09 -22.38 -0.17
C ASN B 88 -5.28 -22.91 -0.96
N PRO B 89 -6.46 -23.09 -0.31
CA PRO B 89 -7.67 -23.45 -1.03
C PRO B 89 -8.12 -22.33 -2.00
N THR B 90 -8.73 -22.74 -3.11
CA THR B 90 -9.25 -21.86 -4.19
C THR B 90 -10.66 -21.41 -3.83
N PRO B 91 -11.13 -20.25 -4.34
CA PRO B 91 -10.31 -19.38 -5.19
C PRO B 91 -9.26 -18.62 -4.35
N ARG B 92 -8.06 -18.51 -4.89
CA ARG B 92 -6.89 -17.89 -4.20
C ARG B 92 -6.26 -16.80 -5.08
N TYR B 93 -6.86 -16.55 -6.25
CA TYR B 93 -6.47 -15.44 -7.16
C TYR B 93 -7.74 -14.89 -7.79
N GLN B 94 -7.87 -13.57 -7.85
CA GLN B 94 -8.96 -12.88 -8.58
C GLN B 94 -8.36 -11.71 -9.37
N ALA B 95 -8.54 -11.71 -10.68
CA ALA B 95 -8.30 -10.57 -11.59
C ALA B 95 -9.31 -9.49 -11.23
N LEU B 96 -8.86 -8.23 -11.19
CA LEU B 96 -9.70 -7.05 -10.85
C LEU B 96 -9.54 -6.04 -11.98
N PRO B 97 -10.52 -5.15 -12.20
CA PRO B 97 -10.32 -4.04 -13.13
C PRO B 97 -8.98 -3.30 -12.93
N LEU B 98 -8.54 -3.11 -11.68
CA LEU B 98 -7.31 -2.33 -11.38
C LEU B 98 -6.15 -3.26 -10.98
N GLY B 99 -6.26 -4.57 -11.22
CA GLY B 99 -5.12 -5.47 -11.02
C GLY B 99 -5.54 -6.85 -10.57
N SER B 100 -5.09 -7.28 -9.39
CA SER B 100 -5.26 -8.65 -8.89
C SER B 100 -5.17 -8.65 -7.37
N ILE B 101 -5.88 -9.57 -6.73
CA ILE B 101 -5.68 -9.97 -5.32
C ILE B 101 -5.37 -11.45 -5.34
N ASN B 102 -4.43 -11.92 -4.52
CA ASN B 102 -4.10 -13.37 -4.46
C ASN B 102 -3.69 -13.73 -3.04
N SER B 103 -3.97 -14.97 -2.65
CA SER B 103 -3.35 -15.68 -1.49
C SER B 103 -3.00 -17.09 -1.96
N MET B 104 -2.01 -17.19 -2.84
CA MET B 104 -1.62 -18.48 -3.49
C MET B 104 -1.16 -19.46 -2.39
N GLY B 105 -0.33 -18.99 -1.45
CA GLY B 105 0.21 -19.79 -0.33
C GLY B 105 1.39 -20.66 -0.75
N LEU B 106 2.21 -20.16 -1.68
CA LEU B 106 3.44 -20.81 -2.20
C LEU B 106 3.15 -22.21 -2.75
N PRO B 107 2.15 -22.38 -3.64
CA PRO B 107 1.98 -23.64 -4.37
C PRO B 107 3.19 -23.77 -5.32
N ASN B 108 4.10 -24.70 -5.05
CA ASN B 108 5.33 -24.88 -5.86
C ASN B 108 5.76 -26.34 -5.84
N ASN B 109 6.48 -26.77 -6.86
CA ASN B 109 6.89 -28.18 -7.07
C ASN B 109 8.07 -28.53 -6.16
N GLY B 110 8.59 -27.57 -5.40
CA GLY B 110 9.67 -27.82 -4.42
C GLY B 110 11.02 -27.52 -5.01
N PHE B 111 12.00 -27.28 -4.15
CA PHE B 111 13.37 -26.84 -4.50
C PHE B 111 14.00 -27.79 -5.52
N ASP B 112 14.00 -29.10 -5.22
CA ASP B 112 14.62 -30.13 -6.11
C ASP B 112 14.21 -29.89 -7.55
N PHE B 113 12.90 -29.75 -7.80
CA PHE B 113 12.31 -29.59 -9.15
C PHE B 113 12.91 -28.35 -9.85
N TYR B 114 13.01 -27.20 -9.17
CA TYR B 114 13.50 -25.94 -9.80
C TYR B 114 15.02 -25.97 -9.88
N LEU B 115 15.70 -26.61 -8.92
CA LEU B 115 17.16 -26.84 -9.03
C LEU B 115 17.43 -27.69 -10.29
N ALA B 116 16.69 -28.80 -10.43
CA ALA B 116 16.74 -29.71 -11.60
C ALA B 116 16.59 -28.90 -12.90
N TYR B 117 15.57 -28.04 -12.97
CA TYR B 117 15.28 -27.21 -14.16
C TYR B 117 16.53 -26.37 -14.47
N ALA B 118 17.10 -25.76 -13.44
CA ALA B 118 18.25 -24.84 -13.56
C ALA B 118 19.52 -25.64 -13.88
N ALA B 119 19.68 -26.84 -13.32
CA ALA B 119 20.87 -27.72 -13.50
C ALA B 119 20.88 -28.33 -14.92
N GLU B 120 19.77 -28.91 -15.38
CA GLU B 120 19.79 -29.86 -16.53
C GLU B 120 18.97 -29.37 -17.74
N GLN B 121 17.84 -28.66 -17.52
CA GLN B 121 16.82 -28.40 -18.56
C GLN B 121 16.94 -26.99 -19.17
N HIS B 122 17.17 -25.96 -18.36
CA HIS B 122 17.03 -24.56 -18.83
C HIS B 122 18.05 -24.28 -19.93
N ASP B 123 17.61 -23.66 -21.03
CA ASP B 123 18.48 -23.24 -22.15
C ASP B 123 19.06 -21.85 -21.86
N TYR B 124 20.20 -21.81 -21.17
CA TYR B 124 20.94 -20.56 -20.81
C TYR B 124 21.36 -19.85 -22.10
N GLY B 125 21.44 -20.61 -23.20
CA GLY B 125 21.59 -20.09 -24.57
C GLY B 125 20.53 -19.05 -24.87
N LYS B 126 19.26 -19.34 -24.59
CA LYS B 126 18.12 -18.42 -24.87
C LYS B 126 18.22 -17.19 -23.97
N LYS B 127 18.29 -17.36 -22.65
CA LYS B 127 18.29 -16.22 -21.69
C LYS B 127 18.73 -16.69 -20.29
N PRO B 128 19.20 -15.75 -19.44
CA PRO B 128 19.54 -16.08 -18.07
C PRO B 128 18.28 -16.49 -17.30
N LEU B 129 18.48 -17.18 -16.19
CA LEU B 129 17.40 -17.76 -15.36
C LEU B 129 17.62 -17.31 -13.92
N PHE B 130 16.56 -16.81 -13.28
CA PHE B 130 16.53 -16.57 -11.82
C PHE B 130 15.71 -17.70 -11.20
N LEU B 131 16.19 -18.18 -10.05
CA LEU B 131 15.46 -19.14 -9.19
C LEU B 131 14.98 -18.37 -7.96
N SER B 132 13.67 -18.29 -7.76
CA SER B 132 13.10 -17.67 -6.54
C SER B 132 13.00 -18.71 -5.43
N MET B 133 13.51 -18.37 -4.26
CA MET B 133 13.54 -19.21 -3.04
C MET B 133 12.77 -18.49 -1.93
N SER B 134 11.78 -19.16 -1.36
CA SER B 134 10.96 -18.67 -0.23
C SER B 134 10.88 -19.77 0.84
N GLY B 135 12.02 -20.06 1.46
CA GLY B 135 12.09 -20.96 2.63
C GLY B 135 11.22 -20.41 3.74
N LEU B 136 10.50 -21.28 4.45
CA LEU B 136 9.56 -20.88 5.54
C LEU B 136 10.36 -20.64 6.82
N SER B 137 11.66 -20.90 6.82
CA SER B 137 12.59 -20.46 7.89
C SER B 137 13.98 -20.21 7.31
N MET B 138 14.83 -19.58 8.13
CA MET B 138 16.28 -19.35 7.89
C MET B 138 16.96 -20.68 7.54
N ARG B 139 16.74 -21.72 8.36
CA ARG B 139 17.30 -23.09 8.20
C ARG B 139 16.96 -23.62 6.79
N GLU B 140 15.69 -23.55 6.39
CA GLU B 140 15.20 -24.03 5.07
C GLU B 140 15.96 -23.30 3.94
N ASN B 141 16.13 -21.99 4.05
CA ASN B 141 16.87 -21.18 3.04
C ASN B 141 18.35 -21.58 3.03
N VAL B 142 18.95 -21.69 4.22
CA VAL B 142 20.37 -22.09 4.40
C VAL B 142 20.57 -23.44 3.70
N GLU B 143 19.68 -24.43 3.91
CA GLU B 143 19.85 -25.80 3.35
C GLU B 143 19.76 -25.73 1.83
N MET B 144 18.77 -25.00 1.30
CA MET B 144 18.52 -24.87 -0.16
C MET B 144 19.71 -24.17 -0.83
N CYS B 145 20.23 -23.11 -0.22
CA CYS B 145 21.35 -22.31 -0.80
C CYS B 145 22.63 -23.15 -0.86
N LYS B 146 22.96 -23.89 0.21
CA LYS B 146 24.06 -24.89 0.24
C LYS B 146 24.03 -25.71 -1.05
N ARG B 147 22.86 -26.23 -1.40
CA ARG B 147 22.64 -27.08 -2.60
C ARG B 147 22.62 -26.24 -3.87
N LEU B 148 22.08 -25.01 -3.82
CA LEU B 148 21.98 -24.13 -5.01
C LEU B 148 23.39 -23.69 -5.46
N ALA B 149 24.33 -23.55 -4.50
CA ALA B 149 25.69 -23.01 -4.72
C ALA B 149 26.33 -23.64 -5.97
N ALA B 150 26.27 -24.97 -6.08
CA ALA B 150 26.98 -25.77 -7.13
C ALA B 150 26.37 -25.48 -8.50
N VAL B 151 25.05 -25.38 -8.56
CA VAL B 151 24.29 -25.13 -9.83
C VAL B 151 24.53 -23.69 -10.30
N ALA B 152 24.58 -22.74 -9.36
CA ALA B 152 24.89 -21.32 -9.64
C ALA B 152 26.26 -21.26 -10.33
N THR B 153 27.28 -21.87 -9.73
CA THR B 153 28.68 -21.96 -10.28
C THR B 153 28.65 -22.57 -11.68
N GLU B 154 28.05 -23.75 -11.81
CA GLU B 154 28.13 -24.61 -13.03
C GLU B 154 27.28 -24.01 -14.16
N LYS B 155 26.07 -23.53 -13.85
CA LYS B 155 25.03 -23.19 -14.87
C LYS B 155 24.73 -21.68 -14.91
N GLY B 156 24.99 -20.94 -13.83
CA GLY B 156 24.84 -19.48 -13.81
C GLY B 156 23.43 -19.02 -13.43
N VAL B 157 22.57 -19.94 -12.95
CA VAL B 157 21.25 -19.61 -12.32
C VAL B 157 21.50 -18.56 -11.22
N ILE B 158 20.63 -17.57 -11.13
CA ILE B 158 20.78 -16.45 -10.16
C ILE B 158 19.67 -16.56 -9.11
N LEU B 159 20.03 -16.49 -7.84
CA LEU B 159 19.06 -16.57 -6.72
C LEU B 159 18.32 -15.24 -6.60
N GLU B 160 16.99 -15.30 -6.59
CA GLU B 160 16.15 -14.23 -6.02
C GLU B 160 15.57 -14.76 -4.72
N LEU B 161 16.12 -14.33 -3.60
CA LEU B 161 15.64 -14.74 -2.24
C LEU B 161 14.39 -13.92 -1.90
N ASN B 162 13.27 -14.60 -1.69
CA ASN B 162 11.99 -13.96 -1.31
C ASN B 162 12.00 -13.67 0.20
N LEU B 163 12.05 -12.39 0.60
CA LEU B 163 11.95 -11.94 2.02
C LEU B 163 10.54 -11.40 2.30
N SER B 164 9.64 -11.52 1.33
CA SER B 164 8.27 -10.92 1.38
C SER B 164 7.24 -12.02 1.67
N PRO B 172 5.60 -11.42 11.55
CA PRO B 172 5.58 -10.63 10.31
C PRO B 172 6.52 -11.16 9.22
N GLN B 173 6.20 -10.90 7.94
CA GLN B 173 7.10 -11.23 6.81
C GLN B 173 8.49 -10.68 7.14
N VAL B 174 9.52 -11.44 6.78
CA VAL B 174 10.92 -11.25 7.24
C VAL B 174 11.35 -9.80 6.98
N ALA B 175 10.97 -9.22 5.84
CA ALA B 175 11.47 -7.89 5.39
C ALA B 175 10.88 -6.78 6.27
N TYR B 176 9.80 -7.05 7.00
CA TYR B 176 9.17 -6.07 7.93
C TYR B 176 9.74 -6.24 9.34
N ASP B 177 10.59 -7.24 9.54
CA ASP B 177 11.34 -7.43 10.81
C ASP B 177 12.82 -7.22 10.52
N PHE B 178 13.33 -6.02 10.77
CA PHE B 178 14.70 -5.62 10.33
C PHE B 178 15.74 -6.57 10.94
N ASP B 179 15.64 -6.95 12.22
CA ASP B 179 16.59 -7.91 12.86
C ASP B 179 16.52 -9.26 12.14
N ALA B 180 15.33 -9.80 11.92
CA ALA B 180 15.13 -11.10 11.24
C ALA B 180 15.67 -11.03 9.82
N MET B 181 15.45 -9.91 9.12
CA MET B 181 15.99 -9.74 7.74
C MET B 181 17.52 -9.85 7.79
N ARG B 182 18.17 -9.09 8.68
CA ARG B 182 19.65 -9.11 8.82
C ARG B 182 20.11 -10.55 9.11
N GLN B 183 19.40 -11.26 9.98
CA GLN B 183 19.74 -12.63 10.39
C GLN B 183 19.62 -13.58 9.19
N CYS B 184 18.56 -13.46 8.40
CA CYS B 184 18.34 -14.32 7.20
C CYS B 184 19.52 -14.09 6.24
N LEU B 185 19.83 -12.84 5.94
CA LEU B 185 20.88 -12.50 4.95
C LEU B 185 22.27 -12.92 5.47
N THR B 186 22.49 -12.84 6.79
CA THR B 186 23.75 -13.28 7.44
C THR B 186 23.88 -14.80 7.22
N ALA B 187 22.83 -15.56 7.53
CA ALA B 187 22.78 -17.03 7.40
C ALA B 187 22.96 -17.45 5.93
N VAL B 188 22.26 -16.80 5.00
CA VAL B 188 22.34 -17.15 3.55
C VAL B 188 23.72 -16.74 3.01
N SER B 189 24.24 -15.55 3.38
CA SER B 189 25.57 -15.05 2.94
C SER B 189 26.67 -16.02 3.38
N GLU B 190 26.55 -16.62 4.57
CA GLU B 190 27.52 -17.58 5.18
C GLU B 190 27.75 -18.76 4.25
N VAL B 191 26.71 -19.28 3.58
CA VAL B 191 26.72 -20.64 2.96
C VAL B 191 26.56 -20.56 1.45
N TYR B 192 26.33 -19.37 0.90
CA TYR B 192 26.05 -19.15 -0.54
C TYR B 192 27.12 -18.25 -1.13
N PRO B 193 28.17 -18.82 -1.78
CA PRO B 193 29.33 -18.03 -2.22
C PRO B 193 29.04 -17.37 -3.58
N HIS B 194 27.90 -16.69 -3.69
CA HIS B 194 27.42 -16.10 -4.97
C HIS B 194 26.71 -14.76 -4.73
N SER B 195 26.77 -13.90 -5.73
CA SER B 195 25.80 -12.81 -5.97
C SER B 195 24.39 -13.40 -5.90
N PHE B 196 23.49 -12.75 -5.19
CA PHE B 196 22.03 -13.03 -5.28
C PHE B 196 21.29 -11.71 -5.13
N GLY B 197 19.98 -11.75 -5.25
CA GLY B 197 19.11 -10.60 -5.01
C GLY B 197 18.00 -10.96 -4.06
N VAL B 198 17.29 -9.94 -3.57
CA VAL B 198 16.23 -10.12 -2.55
C VAL B 198 14.94 -9.51 -3.10
N LYS B 199 13.85 -10.28 -3.07
CA LYS B 199 12.50 -9.77 -3.36
C LYS B 199 11.95 -9.12 -2.08
N MET B 200 11.67 -7.83 -2.16
CA MET B 200 11.23 -6.98 -1.02
C MET B 200 9.72 -6.70 -1.13
N PRO B 201 9.02 -6.66 0.01
CA PRO B 201 7.65 -6.17 0.04
C PRO B 201 7.80 -4.66 -0.01
N PRO B 202 6.72 -3.92 -0.33
CA PRO B 202 6.80 -2.47 -0.34
C PRO B 202 6.96 -1.94 1.09
N TYR B 203 7.74 -0.87 1.24
CA TYR B 203 7.72 -0.04 2.46
C TYR B 203 6.97 1.26 2.14
N PHE B 204 6.54 1.93 3.20
CA PHE B 204 5.58 3.05 3.11
C PHE B 204 6.07 4.24 3.94
N ASP B 205 7.33 4.19 4.35
CA ASP B 205 7.89 5.10 5.37
C ASP B 205 9.40 5.23 5.11
N PHE B 206 9.91 6.46 5.07
CA PHE B 206 11.35 6.76 4.81
C PHE B 206 12.23 6.09 5.89
N ALA B 207 11.78 6.06 7.14
CA ALA B 207 12.51 5.37 8.23
C ALA B 207 12.68 3.90 7.86
N HIS B 208 11.68 3.31 7.22
CA HIS B 208 11.69 1.88 6.79
C HIS B 208 12.55 1.73 5.54
N PHE B 209 12.44 2.64 4.58
CA PHE B 209 13.37 2.65 3.42
C PHE B 209 14.80 2.64 3.97
N ASP B 210 15.10 3.54 4.89
CA ASP B 210 16.47 3.70 5.49
C ASP B 210 16.88 2.42 6.23
N ALA B 211 16.00 1.89 7.07
CA ALA B 211 16.33 0.71 7.91
C ALA B 211 16.63 -0.48 6.99
N ALA B 212 15.78 -0.69 6.00
CA ALA B 212 15.92 -1.79 5.01
C ALA B 212 17.21 -1.59 4.22
N ALA B 213 17.44 -0.38 3.69
CA ALA B 213 18.61 -0.07 2.84
C ALA B 213 19.89 -0.33 3.65
N GLU B 214 19.94 0.18 4.88
CA GLU B 214 21.09 0.00 5.81
C GLU B 214 21.42 -1.49 5.90
N ILE B 215 20.42 -2.34 6.12
CA ILE B 215 20.62 -3.81 6.28
C ILE B 215 21.12 -4.40 4.97
N LEU B 216 20.41 -4.15 3.86
CA LEU B 216 20.76 -4.69 2.54
C LEU B 216 22.20 -4.26 2.19
N ASN B 217 22.61 -3.06 2.61
CA ASN B 217 23.94 -2.47 2.25
C ASN B 217 25.07 -3.14 3.05
N GLU B 218 24.76 -3.97 4.05
CA GLU B 218 25.76 -4.77 4.80
C GLU B 218 26.14 -6.03 4.03
N PHE B 219 25.38 -6.42 3.01
CA PHE B 219 25.53 -7.73 2.32
C PHE B 219 25.91 -7.48 0.86
N PRO B 220 27.23 -7.43 0.55
CA PRO B 220 27.68 -7.18 -0.81
C PRO B 220 27.19 -8.25 -1.80
N LYS B 221 26.91 -9.46 -1.33
CA LYS B 221 26.38 -10.56 -2.19
C LYS B 221 24.98 -10.22 -2.67
N VAL B 222 24.27 -9.36 -1.94
CA VAL B 222 22.94 -8.84 -2.38
C VAL B 222 23.22 -7.74 -3.41
N GLN B 223 23.24 -8.12 -4.68
CA GLN B 223 23.65 -7.23 -5.81
C GLN B 223 22.41 -6.70 -6.52
N PHE B 224 21.22 -7.22 -6.20
CA PHE B 224 19.94 -6.65 -6.69
C PHE B 224 18.83 -6.80 -5.67
N ILE B 225 17.94 -5.81 -5.70
CA ILE B 225 16.73 -5.68 -4.86
C ILE B 225 15.55 -5.63 -5.81
N THR B 226 14.65 -6.61 -5.72
CA THR B 226 13.39 -6.62 -6.48
C THR B 226 12.31 -5.92 -5.66
N CYS B 227 11.92 -4.74 -6.12
CA CYS B 227 10.85 -3.89 -5.56
C CYS B 227 9.73 -3.82 -6.59
N ILE B 228 8.55 -4.43 -6.33
CA ILE B 228 8.10 -4.89 -5.02
C ILE B 228 7.35 -6.21 -5.17
N ASN B 229 7.18 -6.90 -4.06
CA ASN B 229 6.14 -7.94 -3.90
C ASN B 229 4.80 -7.22 -3.79
N SER B 230 3.73 -8.00 -3.77
CA SER B 230 2.34 -7.52 -3.64
C SER B 230 2.25 -6.42 -2.59
N ILE B 231 1.33 -5.46 -2.74
CA ILE B 231 0.88 -4.66 -1.57
C ILE B 231 0.05 -5.63 -0.70
N GLY B 232 0.57 -5.92 0.49
CA GLY B 232 0.16 -7.07 1.30
C GLY B 232 -1.25 -6.89 1.82
N ASN B 233 -2.00 -7.99 1.88
CA ASN B 233 -3.21 -8.12 2.71
C ASN B 233 -4.19 -6.99 2.42
N GLY B 234 -4.41 -6.71 1.14
CA GLY B 234 -5.63 -6.02 0.68
C GLY B 234 -6.85 -6.89 0.90
N LEU B 235 -8.03 -6.30 0.83
CA LEU B 235 -9.30 -7.03 0.96
C LEU B 235 -10.25 -6.53 -0.12
N VAL B 236 -10.51 -7.36 -1.12
CA VAL B 236 -11.51 -7.06 -2.17
C VAL B 236 -12.87 -7.59 -1.70
N ILE B 237 -13.88 -6.74 -1.76
CA ILE B 237 -15.29 -7.11 -1.48
C ILE B 237 -16.09 -6.87 -2.76
N ASP B 238 -16.76 -7.91 -3.22
CA ASP B 238 -17.68 -7.89 -4.39
C ASP B 238 -19.01 -7.32 -3.88
N ALA B 239 -19.39 -6.14 -4.36
CA ALA B 239 -20.61 -5.42 -3.91
C ALA B 239 -21.86 -6.27 -4.22
N GLU B 240 -21.85 -7.05 -5.30
CA GLU B 240 -23.04 -7.85 -5.73
C GLU B 240 -23.22 -9.02 -4.74
N THR B 241 -22.19 -9.83 -4.54
CA THR B 241 -22.21 -11.03 -3.68
C THR B 241 -22.07 -10.65 -2.20
N GLU B 242 -21.68 -9.41 -1.89
CA GLU B 242 -21.47 -8.92 -0.51
C GLU B 242 -20.47 -9.85 0.18
N SER B 243 -19.50 -10.32 -0.60
CA SER B 243 -18.52 -11.30 -0.09
C SER B 243 -17.13 -10.85 -0.51
N VAL B 244 -16.14 -11.46 0.13
CA VAL B 244 -14.75 -11.45 -0.37
C VAL B 244 -14.68 -12.31 -1.63
N VAL B 245 -13.56 -12.25 -2.35
CA VAL B 245 -13.42 -12.91 -3.67
C VAL B 245 -12.36 -14.01 -3.59
N ILE B 246 -11.65 -14.16 -2.47
CA ILE B 246 -10.70 -15.29 -2.31
C ILE B 246 -10.95 -15.97 -0.97
N LYS B 247 -10.69 -17.29 -0.92
CA LYS B 247 -11.10 -18.16 0.19
C LYS B 247 -10.13 -18.03 1.35
N PRO B 248 -8.81 -18.06 1.14
CA PRO B 248 -7.86 -18.12 2.26
C PRO B 248 -7.92 -16.81 3.03
N LYS B 249 -7.58 -16.86 4.32
CA LYS B 249 -7.27 -15.66 5.14
C LYS B 249 -8.41 -14.65 5.07
N GLN B 250 -9.66 -15.13 5.07
N GLN B 250 -9.65 -15.14 5.06
CA GLN B 250 -10.89 -14.31 5.18
CA GLN B 250 -10.92 -14.35 5.14
C GLN B 250 -10.96 -13.28 4.04
C GLN B 250 -10.97 -13.30 4.03
N GLY B 251 -10.39 -13.59 2.87
CA GLY B 251 -10.46 -12.74 1.66
C GLY B 251 -9.25 -11.83 1.50
N PHE B 252 -8.40 -11.74 2.51
CA PHE B 252 -7.18 -10.89 2.52
C PHE B 252 -6.15 -11.52 1.60
N GLY B 253 -5.53 -10.69 0.77
CA GLY B 253 -4.52 -11.15 -0.20
C GLY B 253 -3.70 -10.02 -0.74
N GLY B 254 -2.59 -10.37 -1.37
CA GLY B 254 -1.65 -9.41 -1.97
C GLY B 254 -2.27 -8.74 -3.19
N LEU B 255 -2.17 -7.41 -3.26
CA LEU B 255 -2.63 -6.63 -4.43
C LEU B 255 -1.49 -6.54 -5.43
N GLY B 256 -1.82 -6.67 -6.72
CA GLY B 256 -0.91 -6.41 -7.83
C GLY B 256 -1.60 -5.59 -8.90
N GLY B 257 -0.86 -5.21 -9.94
CA GLY B 257 -1.41 -4.48 -11.09
C GLY B 257 -1.48 -2.99 -10.81
N ARG B 258 -2.51 -2.33 -11.32
CA ARG B 258 -2.53 -0.85 -11.41
C ARG B 258 -2.55 -0.27 -10.00
N TYR B 259 -3.02 -1.02 -9.01
CA TYR B 259 -3.07 -0.60 -7.58
C TYR B 259 -1.68 -0.19 -7.10
N VAL B 260 -0.65 -0.90 -7.55
CA VAL B 260 0.67 -0.95 -6.85
C VAL B 260 1.70 -0.11 -7.58
N LEU B 261 1.38 0.54 -8.69
CA LEU B 261 2.45 1.12 -9.54
C LEU B 261 3.16 2.24 -8.78
N PRO B 262 2.47 3.26 -8.22
CA PRO B 262 3.18 4.31 -7.49
C PRO B 262 3.99 3.78 -6.29
N THR B 263 3.49 2.74 -5.61
CA THR B 263 4.18 2.13 -4.46
C THR B 263 5.45 1.49 -5.00
N ALA B 264 5.34 0.84 -6.15
CA ALA B 264 6.46 0.14 -6.80
C ALA B 264 7.51 1.19 -7.17
N LEU B 265 7.11 2.25 -7.87
CA LEU B 265 8.05 3.31 -8.30
C LEU B 265 8.75 3.88 -7.07
N ALA B 266 8.00 4.07 -5.98
CA ALA B 266 8.50 4.66 -4.73
C ALA B 266 9.61 3.75 -4.19
N ASN B 267 9.32 2.46 -4.12
CA ASN B 267 10.27 1.48 -3.54
C ASN B 267 11.47 1.38 -4.47
N ILE B 268 11.25 1.28 -5.78
CA ILE B 268 12.36 1.18 -6.78
C ILE B 268 13.27 2.39 -6.56
N ASN B 269 12.70 3.59 -6.60
CA ASN B 269 13.47 4.84 -6.44
C ASN B 269 14.12 4.89 -5.06
N ALA B 270 13.37 4.56 -4.01
CA ALA B 270 13.87 4.61 -2.63
C ALA B 270 15.15 3.78 -2.54
N PHE B 271 15.13 2.53 -3.03
CA PHE B 271 16.29 1.62 -2.92
C PHE B 271 17.35 2.01 -3.96
N TYR B 272 16.93 2.46 -5.13
CA TYR B 272 17.87 2.99 -6.15
C TYR B 272 18.77 4.05 -5.48
N ARG B 273 18.16 4.97 -4.73
CA ARG B 273 18.87 6.10 -4.08
C ARG B 273 19.71 5.61 -2.90
N ARG B 274 19.16 4.71 -2.07
CA ARG B 274 19.81 4.34 -0.79
C ARG B 274 20.82 3.21 -0.96
N CYS B 275 20.76 2.49 -2.08
CA CYS B 275 21.64 1.31 -2.34
C CYS B 275 22.33 1.51 -3.67
N PRO B 276 23.24 2.51 -3.78
CA PRO B 276 23.91 2.79 -5.06
C PRO B 276 24.87 1.68 -5.49
N GLY B 277 25.21 0.77 -4.57
CA GLY B 277 26.11 -0.37 -4.87
C GLY B 277 25.36 -1.53 -5.49
N LYS B 278 24.06 -1.39 -5.68
CA LYS B 278 23.14 -2.48 -6.05
C LYS B 278 22.30 -2.07 -7.25
N LEU B 279 21.83 -3.08 -7.97
CA LEU B 279 20.82 -2.91 -9.03
C LEU B 279 19.44 -3.07 -8.41
N ILE B 280 18.47 -2.38 -8.97
CA ILE B 280 17.04 -2.48 -8.59
C ILE B 280 16.31 -3.19 -9.72
N PHE B 281 15.59 -4.26 -9.40
CA PHE B 281 14.61 -4.88 -10.31
C PHE B 281 13.25 -4.31 -9.93
N GLY B 282 12.57 -3.71 -10.89
CA GLY B 282 11.21 -3.20 -10.71
C GLY B 282 10.21 -4.33 -10.85
N CYS B 283 9.19 -4.30 -10.01
CA CYS B 283 8.04 -5.22 -10.09
C CYS B 283 6.83 -4.52 -9.49
N GLY B 284 5.72 -4.47 -10.22
CA GLY B 284 4.47 -3.86 -9.75
C GLY B 284 3.88 -2.93 -10.78
N GLY B 285 2.68 -3.27 -11.26
CA GLY B 285 1.82 -2.39 -12.08
C GLY B 285 2.30 -2.19 -13.49
N VAL B 286 3.14 -3.07 -14.02
CA VAL B 286 3.61 -2.94 -15.43
C VAL B 286 2.61 -3.63 -16.36
N TYR B 287 1.94 -2.84 -17.20
CA TYR B 287 1.04 -3.32 -18.28
C TYR B 287 1.56 -2.90 -19.64
N THR B 288 2.33 -1.82 -19.72
CA THR B 288 2.75 -1.17 -20.97
C THR B 288 4.23 -0.86 -20.92
N GLY B 289 4.82 -0.59 -22.08
CA GLY B 289 6.16 -0.03 -22.24
C GLY B 289 6.29 1.28 -21.47
N GLU B 290 5.21 2.07 -21.43
CA GLU B 290 5.23 3.36 -20.69
C GLU B 290 5.41 3.04 -19.20
N ASP B 291 4.75 2.00 -18.68
CA ASP B 291 4.88 1.59 -17.25
C ASP B 291 6.33 1.18 -17.00
N ALA B 292 6.90 0.37 -17.90
CA ALA B 292 8.30 -0.11 -17.84
C ALA B 292 9.24 1.10 -17.88
N PHE B 293 8.97 2.06 -18.76
CA PHE B 293 9.74 3.32 -18.87
C PHE B 293 9.78 4.01 -17.50
N LEU B 294 8.63 4.08 -16.83
CA LEU B 294 8.52 4.67 -15.47
C LEU B 294 9.38 3.88 -14.49
N HIS B 295 9.28 2.54 -14.52
CA HIS B 295 10.13 1.64 -13.70
C HIS B 295 11.60 2.02 -13.90
N VAL B 296 12.02 2.16 -15.16
CA VAL B 296 13.45 2.43 -15.49
C VAL B 296 13.82 3.86 -15.05
N LEU B 297 12.99 4.87 -15.34
CA LEU B 297 13.19 6.24 -14.80
C LEU B 297 13.47 6.18 -13.29
N ALA B 298 12.72 5.35 -12.57
CA ALA B 298 12.77 5.26 -11.10
C ALA B 298 14.08 4.60 -10.68
N GLY B 299 14.72 3.84 -11.59
CA GLY B 299 16.04 3.23 -11.34
C GLY B 299 16.09 1.74 -11.64
N ALA B 300 15.01 1.15 -12.20
CA ALA B 300 14.93 -0.30 -12.47
C ALA B 300 15.89 -0.66 -13.61
N SER B 301 16.67 -1.71 -13.39
CA SER B 301 17.49 -2.40 -14.41
C SER B 301 16.62 -3.40 -15.16
N MET B 302 16.07 -4.38 -14.45
CA MET B 302 15.12 -5.38 -15.01
C MET B 302 13.73 -4.97 -14.55
N VAL B 303 12.73 -5.33 -15.33
CA VAL B 303 11.30 -4.99 -15.08
C VAL B 303 10.49 -6.28 -15.11
N GLN B 304 9.94 -6.65 -13.96
CA GLN B 304 9.14 -7.88 -13.78
C GLN B 304 7.67 -7.52 -13.98
N VAL B 305 6.95 -8.44 -14.61
CA VAL B 305 5.53 -8.30 -15.03
C VAL B 305 4.79 -9.46 -14.37
N GLY B 306 3.84 -9.15 -13.50
CA GLY B 306 3.07 -10.13 -12.71
C GLY B 306 1.67 -10.24 -13.25
N THR B 307 0.76 -9.45 -12.67
CA THR B 307 -0.69 -9.48 -12.98
C THR B 307 -0.91 -9.41 -14.48
N ALA B 308 -0.23 -8.50 -15.17
CA ALA B 308 -0.44 -8.27 -16.63
C ALA B 308 -0.09 -9.54 -17.40
N LEU B 309 1.00 -10.21 -17.03
CA LEU B 309 1.43 -11.50 -17.64
C LEU B 309 0.37 -12.55 -17.35
N GLN B 310 -0.10 -12.62 -16.11
CA GLN B 310 -1.13 -13.61 -15.68
C GLN B 310 -2.34 -13.49 -16.62
N GLU B 311 -2.76 -12.26 -16.93
CA GLU B 311 -3.99 -12.00 -17.72
C GLU B 311 -3.75 -12.17 -19.21
N GLU B 312 -2.52 -12.01 -19.69
CA GLU B 312 -2.23 -11.92 -21.16
C GLU B 312 -1.44 -13.13 -21.64
N GLY B 313 -0.71 -13.80 -20.76
CA GLY B 313 0.22 -14.88 -21.15
C GLY B 313 1.52 -14.32 -21.70
N PRO B 314 2.50 -15.21 -21.98
CA PRO B 314 3.87 -14.78 -22.30
C PRO B 314 4.04 -13.94 -23.57
N SER B 315 3.02 -13.84 -24.42
CA SER B 315 3.06 -13.00 -25.64
C SER B 315 3.20 -11.53 -25.26
N ILE B 316 2.81 -11.16 -24.03
CA ILE B 316 2.90 -9.77 -23.49
C ILE B 316 4.30 -9.22 -23.73
N PHE B 317 5.34 -10.05 -23.66
CA PHE B 317 6.74 -9.60 -23.73
C PHE B 317 7.07 -9.03 -25.11
N GLU B 318 6.42 -9.52 -26.18
CA GLU B 318 6.59 -8.98 -27.55
C GLU B 318 6.03 -7.56 -27.57
N ARG B 319 4.83 -7.38 -27.02
CA ARG B 319 4.12 -6.09 -26.91
C ARG B 319 4.94 -5.13 -26.03
N LEU B 320 5.50 -5.60 -24.92
CA LEU B 320 6.19 -4.71 -23.95
C LEU B 320 7.51 -4.21 -24.55
N THR B 321 8.30 -5.11 -25.16
CA THR B 321 9.56 -4.75 -25.88
C THR B 321 9.23 -3.69 -26.92
N SER B 322 8.24 -3.98 -27.78
CA SER B 322 7.78 -3.07 -28.86
C SER B 322 7.37 -1.72 -28.27
N GLU B 323 6.51 -1.72 -27.24
CA GLU B 323 5.98 -0.48 -26.62
C GLU B 323 7.12 0.31 -25.96
N LEU B 324 8.04 -0.34 -25.25
CA LEU B 324 9.16 0.38 -24.58
C LEU B 324 10.08 1.02 -25.64
N LEU B 325 10.46 0.28 -26.68
CA LEU B 325 11.20 0.82 -27.85
C LEU B 325 10.45 2.04 -28.42
N GLY B 326 9.13 1.94 -28.58
CA GLY B 326 8.29 3.05 -29.08
C GLY B 326 8.40 4.27 -28.20
N VAL B 327 8.27 4.10 -26.88
CA VAL B 327 8.37 5.22 -25.90
C VAL B 327 9.77 5.83 -26.04
N MET B 328 10.80 5.00 -26.16
CA MET B 328 12.20 5.45 -26.27
C MET B 328 12.39 6.21 -27.60
N ALA B 329 11.79 5.73 -28.69
CA ALA B 329 11.84 6.41 -30.01
C ALA B 329 11.23 7.81 -29.90
N LYS B 330 10.04 7.96 -29.32
CA LYS B 330 9.31 9.26 -29.17
C LYS B 330 10.11 10.21 -28.29
N LYS B 331 10.93 9.70 -27.37
CA LYS B 331 11.68 10.49 -26.36
C LYS B 331 13.16 10.58 -26.73
N ARG B 332 13.57 9.93 -27.81
N ARG B 332 13.54 10.03 -27.90
CA ARG B 332 14.93 10.05 -28.42
CA ARG B 332 14.92 10.01 -28.42
C ARG B 332 15.96 9.43 -27.47
C ARG B 332 15.84 9.53 -27.30
N TYR B 333 15.62 8.30 -26.88
CA TYR B 333 16.55 7.49 -26.05
C TYR B 333 16.93 6.29 -26.89
N GLN B 334 18.20 5.89 -26.83
CA GLN B 334 18.74 4.75 -27.61
C GLN B 334 19.06 3.59 -26.67
N THR B 335 19.39 3.87 -25.41
CA THR B 335 19.63 2.82 -24.39
C THR B 335 18.92 3.15 -23.08
N LEU B 336 18.72 2.13 -22.26
CA LEU B 336 18.06 2.24 -20.92
C LEU B 336 18.94 3.09 -20.00
N ASP B 337 20.26 2.90 -20.01
N ASP B 337 20.26 2.86 -20.02
CA ASP B 337 21.20 3.62 -19.09
CA ASP B 337 21.30 3.59 -19.23
C ASP B 337 21.16 5.14 -19.38
C ASP B 337 21.11 5.11 -19.37
N GLU B 338 20.58 5.56 -20.51
CA GLU B 338 20.42 7.01 -20.82
C GLU B 338 19.41 7.67 -19.87
N PHE B 339 18.39 6.96 -19.39
CA PHE B 339 17.33 7.56 -18.53
C PHE B 339 17.11 6.76 -17.24
N ARG B 340 17.78 5.62 -17.06
CA ARG B 340 17.61 4.80 -15.84
C ARG B 340 17.98 5.65 -14.62
N GLY B 341 17.07 5.74 -13.65
CA GLY B 341 17.28 6.45 -12.38
C GLY B 341 17.20 7.97 -12.51
N LYS B 342 16.93 8.49 -13.71
CA LYS B 342 17.08 9.95 -14.00
C LYS B 342 15.74 10.67 -13.87
N VAL B 343 14.78 10.06 -13.16
CA VAL B 343 13.51 10.75 -12.82
C VAL B 343 13.90 12.13 -12.27
N ARG B 344 13.25 13.19 -12.72
CA ARG B 344 13.50 14.58 -12.28
C ARG B 344 12.60 14.89 -11.06
N THR B 345 13.22 15.31 -9.96
CA THR B 345 12.52 15.87 -8.77
C THR B 345 12.31 17.36 -9.00
N LEU B 346 11.37 17.97 -8.27
CA LEU B 346 11.02 19.41 -8.42
C LEU B 346 11.75 20.21 -7.34
#